data_2C2T
#
_entry.id   2C2T
#
_cell.length_a   87.628
_cell.length_b   94.354
_cell.length_c   96.032
_cell.angle_alpha   90.00
_cell.angle_beta   90.00
_cell.angle_gamma   90.00
#
_symmetry.space_group_name_H-M   'C 2 2 21'
#
loop_
_entity.id
_entity.type
_entity.pdbx_description
1 polymer 'DIHYDROFOLATE REDUCTASE'
2 non-polymer 'NADPH DIHYDRO-NICOTINAMIDE-ADENINE-DINUCLEOTIDE PHOSPHATE'
3 non-polymer (S)-2,4-DIAMINO-5-((7,8-DICARBAUNDECABORAN-7-YL)METHYL)-6-METHYLPYRIMIDINE
4 non-polymer GLYCEROL
5 water water
#
_entity_poly.entity_id   1
_entity_poly.type   'polypeptide(L)'
_entity_poly.pdbx_seq_one_letter_code
;VGSLNCIVAVSQNMGIGKNGDLPWPPLRNEFRYFQRMTTTSSVEGKQNLVIMGKKTWFSIPEKNRPLKGRINLVLSRELK
EPPQGAHFLSRSLDDALKLTEQPELANKVDMVWIVGGSSVYKEAMNHPGHLKLFVTRIMQDFESDTFFPEIDLEKYKLLP
EYPGVLSDVQEEKGIKYKFEVYEKND
;
_entity_poly.pdbx_strand_id   A,B
#
# COMPACT_ATOMS: atom_id res chain seq x y z
N VAL A 1 4.87 -28.06 13.88
CA VAL A 1 3.76 -27.38 14.62
C VAL A 1 2.46 -28.18 14.46
N GLY A 2 1.85 -28.55 15.58
CA GLY A 2 0.72 -29.49 15.59
C GLY A 2 -0.63 -28.82 15.41
N SER A 3 -0.63 -27.50 15.50
CA SER A 3 -1.85 -26.74 15.41
C SER A 3 -1.55 -25.29 15.11
N LEU A 4 -2.47 -24.66 14.43
CA LEU A 4 -2.35 -23.27 14.10
C LEU A 4 -3.62 -22.54 14.61
N ASN A 5 -3.59 -21.22 14.76
CA ASN A 5 -4.81 -20.43 15.02
C ASN A 5 -4.86 -19.28 14.01
N CYS A 6 -6.02 -18.99 13.44
CA CYS A 6 -6.25 -17.75 12.73
C CYS A 6 -7.12 -16.84 13.57
N ILE A 7 -6.91 -15.54 13.45
CA ILE A 7 -7.80 -14.58 14.13
C ILE A 7 -8.10 -13.41 13.20
N VAL A 8 -9.37 -13.05 13.08
CA VAL A 8 -9.85 -12.04 12.13
C VAL A 8 -11.12 -11.39 12.68
N ALA A 9 -11.40 -10.15 12.26
CA ALA A 9 -12.69 -9.49 12.49
C ALA A 9 -13.21 -9.19 11.07
N VAL A 10 -14.47 -9.55 10.81
N VAL A 10 -14.48 -9.47 10.83
CA VAL A 10 -15.08 -9.52 9.47
CA VAL A 10 -15.01 -9.44 9.46
C VAL A 10 -16.44 -8.87 9.53
C VAL A 10 -16.45 -8.97 9.45
N SER A 11 -16.78 -8.07 8.52
CA SER A 11 -18.10 -7.50 8.42
C SER A 11 -19.07 -8.50 7.79
N GLN A 12 -20.35 -8.13 7.76
N GLN A 12 -20.35 -8.14 7.77
CA GLN A 12 -21.38 -9.04 7.29
CA GLN A 12 -21.40 -9.02 7.26
C GLN A 12 -21.21 -9.36 5.80
C GLN A 12 -21.17 -9.38 5.81
N ASN A 13 -20.63 -8.42 5.04
CA ASN A 13 -20.26 -8.62 3.63
C ASN A 13 -18.84 -9.16 3.44
N MET A 14 -18.28 -9.76 4.50
CA MET A 14 -17.01 -10.47 4.49
C MET A 14 -15.80 -9.57 4.32
N GLY A 15 -15.97 -8.28 4.61
CA GLY A 15 -14.89 -7.38 4.47
C GLY A 15 -13.96 -7.38 5.68
N ILE A 16 -12.66 -7.25 5.41
CA ILE A 16 -11.64 -7.09 6.46
C ILE A 16 -10.78 -5.84 6.34
N GLY A 17 -10.75 -5.21 5.19
CA GLY A 17 -9.91 -4.04 5.03
C GLY A 17 -10.50 -3.06 4.02
N LYS A 18 -10.10 -1.80 4.19
CA LYS A 18 -10.41 -0.73 3.24
C LYS A 18 -9.32 0.30 3.30
N ASN A 19 -8.69 0.59 2.16
CA ASN A 19 -7.72 1.68 2.06
C ASN A 19 -6.57 1.52 3.07
N GLY A 20 -6.11 0.28 3.23
CA GLY A 20 -4.94 0.00 4.10
C GLY A 20 -5.23 0.03 5.60
N ASP A 21 -6.52 0.06 5.96
CA ASP A 21 -6.97 0.10 7.37
C ASP A 21 -8.22 -0.77 7.49
N LEU A 22 -8.89 -0.75 8.65
CA LEU A 22 -10.13 -1.49 8.86
C LEU A 22 -11.31 -0.78 8.22
N PRO A 23 -12.34 -1.52 7.81
CA PRO A 23 -13.49 -0.85 7.19
C PRO A 23 -14.36 -0.04 8.17
N TRP A 24 -14.30 -0.41 9.44
CA TRP A 24 -15.13 0.16 10.49
C TRP A 24 -14.25 1.01 11.42
N PRO A 25 -14.88 1.91 12.20
CA PRO A 25 -14.11 2.68 13.18
C PRO A 25 -13.47 1.76 14.21
N PRO A 26 -12.37 2.20 14.84
CA PRO A 26 -11.69 1.35 15.79
C PRO A 26 -12.59 0.97 16.98
N LEU A 27 -12.55 -0.31 17.32
CA LEU A 27 -13.31 -0.87 18.42
C LEU A 27 -12.33 -1.33 19.48
N ARG A 28 -12.28 -0.57 20.59
CA ARG A 28 -11.20 -0.72 21.56
C ARG A 28 -11.18 -2.09 22.19
N ASN A 29 -12.33 -2.58 22.64
CA ASN A 29 -12.35 -3.85 23.36
C ASN A 29 -12.18 -5.04 22.40
N GLU A 30 -12.60 -4.87 21.14
CA GLU A 30 -12.35 -5.89 20.12
C GLU A 30 -10.83 -5.98 19.88
N PHE A 31 -10.15 -4.85 19.75
CA PHE A 31 -8.69 -4.81 19.70
C PHE A 31 -8.05 -5.45 20.94
N ARG A 32 -8.58 -5.16 22.13
CA ARG A 32 -8.03 -5.76 23.36
C ARG A 32 -8.25 -7.28 23.35
N TYR A 33 -9.34 -7.77 22.77
CA TYR A 33 -9.55 -9.20 22.62
C TYR A 33 -8.48 -9.83 21.73
N PHE A 34 -8.23 -9.23 20.57
CA PHE A 34 -7.14 -9.67 19.71
C PHE A 34 -5.82 -9.69 20.46
N GLN A 35 -5.54 -8.66 21.25
CA GLN A 35 -4.28 -8.57 21.99
C GLN A 35 -4.19 -9.70 22.99
N ARG A 36 -5.27 -9.90 23.74
CA ARG A 36 -5.31 -10.93 24.78
C ARG A 36 -5.09 -12.34 24.19
N MET A 37 -5.82 -12.62 23.12
CA MET A 37 -5.78 -13.96 22.54
C MET A 37 -4.42 -14.27 21.92
N THR A 38 -3.85 -13.31 21.19
CA THR A 38 -2.59 -13.57 20.52
C THR A 38 -1.40 -13.47 21.49
N THR A 39 -1.51 -12.68 22.58
CA THR A 39 -0.36 -12.51 23.47
C THR A 39 -0.25 -13.55 24.56
N THR A 40 -1.40 -14.02 25.05
CA THR A 40 -1.42 -14.85 26.25
C THR A 40 -0.82 -16.23 26.07
N SER A 41 0.23 -16.51 26.83
CA SER A 41 0.80 -17.84 26.95
C SER A 41 1.20 -18.08 28.40
N SER A 42 0.68 -19.14 29.00
CA SER A 42 1.08 -19.58 30.35
C SER A 42 2.28 -20.54 30.38
N VAL A 43 2.94 -20.76 29.24
CA VAL A 43 4.16 -21.57 29.17
C VAL A 43 5.40 -20.70 29.46
N GLU A 44 5.95 -20.87 30.64
CA GLU A 44 7.10 -20.08 31.05
C GLU A 44 8.26 -20.26 30.09
N GLY A 45 8.90 -19.15 29.73
CA GLY A 45 10.06 -19.15 28.81
C GLY A 45 9.75 -19.05 27.33
N LYS A 46 8.46 -19.07 26.98
CA LYS A 46 8.04 -18.96 25.59
C LYS A 46 7.13 -17.76 25.38
N GLN A 47 7.01 -17.36 24.12
CA GLN A 47 6.07 -16.34 23.66
C GLN A 47 5.31 -16.94 22.49
N ASN A 48 4.14 -16.36 22.20
CA ASN A 48 3.44 -16.68 20.96
C ASN A 48 4.05 -15.96 19.75
N LEU A 49 3.86 -16.55 18.56
CA LEU A 49 4.35 -16.02 17.27
C LEU A 49 3.14 -15.54 16.50
N VAL A 50 3.25 -14.34 15.95
CA VAL A 50 2.26 -13.86 14.98
C VAL A 50 2.86 -13.83 13.59
N ILE A 51 2.10 -14.35 12.63
CA ILE A 51 2.46 -14.38 11.21
C ILE A 51 1.50 -13.49 10.44
N MET A 52 2.05 -12.58 9.65
CA MET A 52 1.24 -11.65 8.88
C MET A 52 1.87 -11.34 7.53
N GLY A 53 1.04 -10.89 6.61
CA GLY A 53 1.51 -10.39 5.33
C GLY A 53 2.13 -9.01 5.44
N LYS A 54 2.79 -8.61 4.37
CA LYS A 54 3.54 -7.37 4.34
C LYS A 54 2.64 -6.13 4.46
N LYS A 55 1.51 -6.12 3.77
CA LYS A 55 0.61 -4.98 3.84
C LYS A 55 0.00 -4.85 5.24
N THR A 56 -0.29 -5.98 5.89
CA THR A 56 -0.81 -5.95 7.25
C THR A 56 0.26 -5.36 8.20
N TRP A 57 1.52 -5.76 8.06
CA TRP A 57 2.61 -5.20 8.86
C TRP A 57 2.62 -3.67 8.74
N PHE A 58 2.63 -3.18 7.51
CA PHE A 58 2.71 -1.73 7.33
C PHE A 58 1.44 -0.96 7.71
N SER A 59 0.32 -1.69 7.92
CA SER A 59 -0.94 -1.09 8.41
C SER A 59 -0.94 -0.86 9.91
N ILE A 60 0.04 -1.44 10.60
CA ILE A 60 0.20 -1.20 12.05
C ILE A 60 0.96 0.11 12.24
N PRO A 61 0.45 1.02 13.10
CA PRO A 61 1.20 2.24 13.36
C PRO A 61 2.62 1.96 13.83
N GLU A 62 3.57 2.71 13.32
CA GLU A 62 5.00 2.48 13.56
C GLU A 62 5.29 2.30 15.05
N LYS A 63 4.68 3.14 15.87
CA LYS A 63 4.96 3.13 17.31
C LYS A 63 4.50 1.85 18.00
N ASN A 64 3.63 1.08 17.34
CA ASN A 64 3.13 -0.19 17.87
C ASN A 64 3.71 -1.44 17.19
N ARG A 65 4.71 -1.27 16.31
CA ARG A 65 5.43 -2.37 15.68
C ARG A 65 6.78 -2.50 16.32
N PRO A 66 7.25 -3.74 16.53
CA PRO A 66 6.51 -5.00 16.38
C PRO A 66 5.42 -5.07 17.46
N LEU A 67 4.42 -5.93 17.25
CA LEU A 67 3.37 -6.14 18.24
C LEU A 67 4.02 -6.66 19.50
N LYS A 68 3.83 -5.94 20.60
CA LYS A 68 4.51 -6.23 21.84
C LYS A 68 4.22 -7.61 22.42
N GLY A 69 5.23 -8.22 23.04
CA GLY A 69 5.00 -9.48 23.78
C GLY A 69 4.82 -10.74 22.91
N ARG A 70 5.03 -10.58 21.61
CA ARG A 70 4.89 -11.62 20.60
C ARG A 70 6.06 -11.55 19.62
N ILE A 71 6.49 -12.70 19.13
CA ILE A 71 7.48 -12.79 18.06
C ILE A 71 6.74 -12.46 16.75
N ASN A 72 7.23 -11.51 15.98
CA ASN A 72 6.55 -11.02 14.78
C ASN A 72 7.26 -11.54 13.51
N LEU A 73 6.54 -12.29 12.69
CA LEU A 73 7.09 -12.86 11.45
C LEU A 73 6.25 -12.38 10.27
N VAL A 74 6.92 -11.80 9.26
CA VAL A 74 6.24 -11.27 8.10
C VAL A 74 6.51 -12.18 6.92
N LEU A 75 5.46 -12.43 6.13
CA LEU A 75 5.59 -13.19 4.89
C LEU A 75 5.79 -12.23 3.73
N SER A 76 6.79 -12.53 2.90
CA SER A 76 6.99 -11.82 1.63
C SER A 76 7.80 -12.66 0.66
N ARG A 77 7.42 -12.59 -0.61
CA ARG A 77 8.14 -13.30 -1.66
C ARG A 77 9.25 -12.42 -2.23
N GLU A 78 9.30 -11.14 -1.86
CA GLU A 78 10.19 -10.15 -2.48
C GLU A 78 11.25 -9.54 -1.54
N LEU A 79 10.93 -9.36 -0.26
CA LEU A 79 11.89 -8.81 0.69
C LEU A 79 13.00 -9.82 0.93
N LYS A 80 14.20 -9.32 1.22
CA LYS A 80 15.31 -10.22 1.53
C LYS A 80 15.67 -10.19 3.01
N GLU A 81 15.11 -9.24 3.76
CA GLU A 81 15.21 -9.27 5.20
C GLU A 81 13.90 -8.72 5.77
N PRO A 82 13.66 -8.97 7.06
CA PRO A 82 12.40 -8.52 7.66
C PRO A 82 12.27 -6.99 7.58
N PRO A 83 11.04 -6.47 7.43
CA PRO A 83 10.86 -5.02 7.51
C PRO A 83 11.37 -4.50 8.85
N GLN A 84 11.80 -3.26 8.89
CA GLN A 84 12.44 -2.73 10.10
C GLN A 84 11.52 -2.91 11.31
N GLY A 85 12.06 -3.58 12.33
CA GLY A 85 11.37 -3.83 13.57
C GLY A 85 10.78 -5.22 13.69
N ALA A 86 10.55 -5.88 12.55
CA ALA A 86 10.06 -7.25 12.54
C ALA A 86 11.17 -8.22 12.93
N HIS A 87 10.82 -9.37 13.50
CA HIS A 87 11.82 -10.29 14.01
C HIS A 87 12.28 -11.31 12.99
N PHE A 88 11.37 -11.75 12.12
CA PHE A 88 11.67 -12.77 11.11
C PHE A 88 10.91 -12.53 9.82
N LEU A 89 11.44 -13.11 8.74
CA LEU A 89 10.85 -13.07 7.40
C LEU A 89 10.84 -14.49 6.83
N SER A 90 9.69 -14.91 6.27
CA SER A 90 9.65 -16.17 5.49
C SER A 90 8.94 -15.99 4.16
N ARG A 91 9.25 -16.88 3.21
CA ARG A 91 8.67 -16.86 1.86
C ARG A 91 7.29 -17.51 1.75
N SER A 92 6.89 -18.26 2.77
CA SER A 92 5.62 -18.99 2.78
C SER A 92 5.24 -19.41 4.20
N LEU A 93 3.98 -19.81 4.41
CA LEU A 93 3.57 -20.34 5.70
C LEU A 93 4.39 -21.58 6.08
N ASP A 94 4.53 -22.54 5.16
CA ASP A 94 5.30 -23.76 5.48
C ASP A 94 6.74 -23.41 5.86
N ASP A 95 7.35 -22.47 5.16
CA ASP A 95 8.70 -22.02 5.54
C ASP A 95 8.69 -21.41 6.96
N ALA A 96 7.68 -20.61 7.25
CA ALA A 96 7.56 -19.99 8.58
C ALA A 96 7.40 -21.03 9.66
N LEU A 97 6.59 -22.05 9.40
CA LEU A 97 6.38 -23.09 10.42
C LEU A 97 7.64 -23.92 10.65
N LYS A 98 8.39 -24.19 9.59
CA LYS A 98 9.65 -24.90 9.71
C LYS A 98 10.69 -24.11 10.48
N LEU A 99 10.65 -22.78 10.31
CA LEU A 99 11.59 -21.90 11.02
C LEU A 99 11.47 -22.04 12.54
N THR A 100 10.25 -22.19 13.05
CA THR A 100 10.04 -22.27 14.51
C THR A 100 10.76 -23.45 15.17
N GLU A 101 11.11 -24.48 14.38
CA GLU A 101 11.75 -25.70 14.91
C GLU A 101 13.27 -25.71 14.80
N GLN A 102 13.86 -24.67 14.23
CA GLN A 102 15.31 -24.56 14.17
C GLN A 102 15.84 -24.00 15.52
N PRO A 103 17.15 -24.17 15.79
CA PRO A 103 17.73 -23.81 17.09
C PRO A 103 17.30 -22.47 17.70
N GLU A 104 17.22 -21.41 16.93
CA GLU A 104 16.90 -20.10 17.51
C GLU A 104 15.51 -20.10 18.15
N LEU A 105 14.51 -20.59 17.40
CA LEU A 105 13.11 -20.56 17.87
C LEU A 105 12.63 -21.85 18.54
N ALA A 106 13.46 -22.90 18.52
CA ALA A 106 13.06 -24.22 19.00
C ALA A 106 12.33 -24.19 20.35
N ASN A 107 12.97 -23.54 21.31
CA ASN A 107 12.50 -23.55 22.68
C ASN A 107 11.88 -22.22 23.08
N LYS A 108 11.40 -21.46 22.09
CA LYS A 108 10.95 -20.09 22.35
C LYS A 108 9.50 -19.79 21.96
N VAL A 109 8.88 -20.64 21.14
CA VAL A 109 7.56 -20.35 20.57
C VAL A 109 6.49 -21.29 21.16
N ASP A 110 5.41 -20.72 21.67
CA ASP A 110 4.28 -21.48 22.14
C ASP A 110 3.24 -21.50 21.00
N MET A 111 2.23 -20.64 21.06
CA MET A 111 1.18 -20.68 20.05
C MET A 111 1.57 -19.93 18.80
N VAL A 112 1.02 -20.35 17.65
CA VAL A 112 1.18 -19.62 16.38
C VAL A 112 -0.17 -19.06 15.96
N TRP A 113 -0.20 -17.75 15.71
CA TRP A 113 -1.39 -17.01 15.34
C TRP A 113 -1.19 -16.36 13.98
N ILE A 114 -2.11 -16.65 13.07
CA ILE A 114 -2.12 -16.06 11.75
C ILE A 114 -3.06 -14.87 11.84
N VAL A 115 -2.57 -13.67 11.52
CA VAL A 115 -3.30 -12.44 11.74
C VAL A 115 -3.64 -11.68 10.44
N GLY A 116 -3.49 -12.34 9.27
CA GLY A 116 -3.95 -11.76 7.99
C GLY A 116 -2.80 -11.26 7.14
N GLY A 117 -3.06 -10.80 5.92
CA GLY A 117 -4.37 -10.60 5.30
C GLY A 117 -4.90 -11.79 4.54
N SER A 118 -5.62 -11.50 3.46
CA SER A 118 -6.44 -12.50 2.77
C SER A 118 -5.67 -13.75 2.31
N SER A 119 -4.50 -13.57 1.69
CA SER A 119 -3.71 -14.70 1.19
C SER A 119 -3.07 -15.52 2.28
N VAL A 120 -2.83 -14.89 3.42
CA VAL A 120 -2.26 -15.59 4.57
C VAL A 120 -3.35 -16.49 5.18
N TYR A 121 -4.56 -15.95 5.35
CA TYR A 121 -5.70 -16.70 5.85
C TYR A 121 -6.03 -17.87 4.94
N LYS A 122 -6.05 -17.60 3.64
CA LYS A 122 -6.40 -18.62 2.64
C LYS A 122 -5.48 -19.83 2.75
N GLU A 123 -4.17 -19.59 2.77
CA GLU A 123 -3.19 -20.67 2.90
C GLU A 123 -3.36 -21.39 4.24
N ALA A 124 -3.39 -20.64 5.33
CA ALA A 124 -3.50 -21.25 6.67
C ALA A 124 -4.73 -22.15 6.78
N MET A 125 -5.87 -21.70 6.26
CA MET A 125 -7.13 -22.43 6.38
C MET A 125 -7.15 -23.76 5.65
N ASN A 126 -6.25 -23.94 4.70
CA ASN A 126 -6.05 -25.23 4.04
C ASN A 126 -4.85 -26.04 4.54
N HIS A 127 -4.11 -25.51 5.53
CA HIS A 127 -2.99 -26.23 6.13
C HIS A 127 -3.51 -27.52 6.77
N PRO A 128 -2.79 -28.65 6.60
CA PRO A 128 -3.23 -29.91 7.22
C PRO A 128 -3.29 -29.85 8.74
N GLY A 129 -4.27 -30.53 9.31
CA GLY A 129 -4.28 -30.80 10.74
C GLY A 129 -5.17 -29.86 11.51
N HIS A 130 -4.96 -29.77 12.82
CA HIS A 130 -5.84 -29.01 13.65
C HIS A 130 -5.59 -27.51 13.49
N LEU A 131 -6.68 -26.78 13.31
CA LEU A 131 -6.63 -25.33 13.15
C LEU A 131 -7.89 -24.77 13.76
N LYS A 132 -7.75 -23.67 14.49
CA LYS A 132 -8.91 -22.93 14.98
C LYS A 132 -8.98 -21.56 14.33
N LEU A 133 -10.20 -21.13 14.07
CA LEU A 133 -10.46 -19.82 13.50
C LEU A 133 -11.26 -19.00 14.54
N PHE A 134 -10.67 -17.93 15.05
CA PHE A 134 -11.30 -17.01 15.97
C PHE A 134 -11.81 -15.84 15.13
N VAL A 135 -13.13 -15.79 14.91
CA VAL A 135 -13.77 -14.88 13.97
C VAL A 135 -14.72 -13.99 14.72
N THR A 136 -14.46 -12.69 14.67
CA THR A 136 -15.37 -11.70 15.20
C THR A 136 -16.29 -11.25 14.08
N ARG A 137 -17.57 -11.55 14.25
CA ARG A 137 -18.59 -11.15 13.28
C ARG A 137 -19.08 -9.77 13.62
N ILE A 138 -18.66 -8.78 12.81
CA ILE A 138 -19.13 -7.39 12.92
C ILE A 138 -20.48 -7.38 12.20
N MET A 139 -21.54 -7.08 12.94
CA MET A 139 -22.91 -7.33 12.46
C MET A 139 -23.49 -6.15 11.67
N GLN A 140 -22.72 -5.67 10.70
CA GLN A 140 -23.10 -4.58 9.77
C GLN A 140 -22.32 -4.75 8.49
N ASP A 141 -22.78 -4.13 7.40
CA ASP A 141 -22.02 -4.07 6.18
C ASP A 141 -21.13 -2.83 6.24
N PHE A 142 -19.91 -2.97 5.74
CA PHE A 142 -18.98 -1.86 5.59
C PHE A 142 -18.29 -1.98 4.23
N GLU A 143 -18.19 -0.84 3.54
CA GLU A 143 -17.45 -0.79 2.28
C GLU A 143 -16.02 -1.27 2.49
N SER A 144 -15.61 -2.26 1.71
CA SER A 144 -14.33 -2.94 1.88
C SER A 144 -13.70 -3.21 0.52
N ASP A 145 -12.36 -3.31 0.51
CA ASP A 145 -11.60 -3.69 -0.67
C ASP A 145 -10.73 -4.93 -0.46
N THR A 146 -10.87 -5.55 0.73
CA THR A 146 -10.13 -6.74 1.10
C THR A 146 -11.11 -7.60 1.87
N PHE A 147 -11.13 -8.90 1.58
CA PHE A 147 -12.18 -9.80 2.05
C PHE A 147 -11.63 -11.11 2.65
N PHE A 148 -12.43 -11.70 3.53
CA PHE A 148 -12.00 -12.93 4.19
C PHE A 148 -12.45 -14.10 3.36
N PRO A 149 -11.55 -15.08 3.11
CA PRO A 149 -11.93 -16.24 2.34
C PRO A 149 -13.12 -17.00 2.96
N GLU A 150 -13.85 -17.70 2.10
CA GLU A 150 -15.01 -18.48 2.57
C GLU A 150 -14.62 -19.57 3.58
N ILE A 151 -15.45 -19.72 4.63
CA ILE A 151 -15.27 -20.84 5.59
C ILE A 151 -15.94 -22.12 5.10
N ASP A 152 -15.12 -23.10 4.75
CA ASP A 152 -15.61 -24.39 4.28
C ASP A 152 -16.29 -25.17 5.42
N LEU A 153 -17.61 -25.16 5.45
CA LEU A 153 -18.36 -25.85 6.52
C LEU A 153 -18.33 -27.39 6.49
N GLU A 154 -17.82 -27.96 5.40
CA GLU A 154 -17.49 -29.38 5.39
C GLU A 154 -16.27 -29.67 6.26
N LYS A 155 -15.43 -28.64 6.44
CA LYS A 155 -14.16 -28.80 7.15
C LYS A 155 -14.20 -28.22 8.55
N TYR A 156 -14.89 -27.09 8.70
CA TYR A 156 -14.94 -26.34 9.96
C TYR A 156 -16.29 -26.43 10.64
N LYS A 157 -16.23 -26.59 11.95
CA LYS A 157 -17.37 -26.72 12.82
C LYS A 157 -17.35 -25.48 13.72
N LEU A 158 -18.49 -24.82 13.85
CA LEU A 158 -18.67 -23.72 14.81
C LEU A 158 -18.80 -24.29 16.21
N LEU A 159 -17.87 -23.94 17.09
CA LEU A 159 -17.90 -24.45 18.46
C LEU A 159 -19.00 -23.69 19.21
N PRO A 160 -19.82 -24.40 20.01
CA PRO A 160 -20.93 -23.73 20.68
C PRO A 160 -20.46 -22.70 21.72
N GLU A 161 -19.27 -22.94 22.27
CA GLU A 161 -18.62 -21.98 23.15
C GLU A 161 -17.15 -22.35 23.28
N TYR A 162 -16.37 -21.47 23.88
CA TYR A 162 -14.94 -21.70 24.04
C TYR A 162 -14.51 -21.02 25.33
N PRO A 163 -13.72 -21.73 26.15
CA PRO A 163 -13.33 -21.10 27.41
C PRO A 163 -12.60 -19.78 27.21
N GLY A 164 -13.01 -18.76 27.96
CA GLY A 164 -12.39 -17.46 27.87
C GLY A 164 -12.91 -16.57 26.77
N VAL A 165 -13.89 -17.03 26.01
CA VAL A 165 -14.50 -16.23 24.92
C VAL A 165 -15.96 -15.96 25.28
N LEU A 166 -16.34 -14.68 25.30
CA LEU A 166 -17.71 -14.27 25.64
C LEU A 166 -18.68 -14.75 24.53
N SER A 167 -19.88 -15.17 24.95
CA SER A 167 -20.89 -15.73 24.04
C SER A 167 -21.96 -14.73 23.56
N ASP A 168 -22.21 -13.68 24.36
CA ASP A 168 -23.28 -12.73 24.05
C ASP A 168 -22.86 -11.71 23.00
N VAL A 169 -23.85 -11.09 22.34
CA VAL A 169 -23.57 -9.98 21.43
C VAL A 169 -22.94 -8.82 22.23
N GLN A 170 -21.87 -8.28 21.66
CA GLN A 170 -21.11 -7.14 22.19
C GLN A 170 -21.52 -5.89 21.44
N GLU A 171 -21.28 -4.73 22.03
CA GLU A 171 -21.54 -3.48 21.33
C GLU A 171 -20.56 -2.41 21.78
N GLU A 172 -19.91 -1.75 20.81
CA GLU A 172 -19.04 -0.62 21.09
C GLU A 172 -19.26 0.42 20.02
N LYS A 173 -19.31 1.69 20.42
CA LYS A 173 -19.56 2.81 19.49
C LYS A 173 -20.78 2.59 18.58
N GLY A 174 -21.81 1.94 19.12
CA GLY A 174 -23.04 1.62 18.38
C GLY A 174 -22.97 0.48 17.37
N ILE A 175 -21.85 -0.25 17.35
CA ILE A 175 -21.65 -1.34 16.42
C ILE A 175 -21.69 -2.65 17.18
N LYS A 176 -22.59 -3.55 16.76
CA LYS A 176 -22.73 -4.85 17.40
C LYS A 176 -21.84 -5.85 16.74
N TYR A 177 -21.34 -6.77 17.54
CA TYR A 177 -20.51 -7.86 17.05
C TYR A 177 -20.52 -9.04 17.99
N LYS A 178 -20.08 -10.18 17.49
CA LYS A 178 -19.97 -11.34 18.35
C LYS A 178 -18.72 -12.17 18.03
N PHE A 179 -18.22 -12.83 19.07
CA PHE A 179 -17.04 -13.67 18.97
C PHE A 179 -17.45 -15.11 18.70
N GLU A 180 -16.85 -15.69 17.65
CA GLU A 180 -17.04 -17.07 17.23
C GLU A 180 -15.70 -17.81 17.21
N VAL A 181 -15.75 -19.12 17.44
CA VAL A 181 -14.59 -19.99 17.31
C VAL A 181 -15.00 -21.18 16.46
N TYR A 182 -14.24 -21.43 15.40
CA TYR A 182 -14.40 -22.58 14.51
C TYR A 182 -13.20 -23.49 14.65
N GLU A 183 -13.39 -24.76 14.33
CA GLU A 183 -12.28 -25.70 14.38
C GLU A 183 -12.34 -26.73 13.26
N LYS A 184 -11.20 -27.09 12.70
CA LYS A 184 -11.13 -28.31 11.87
C LYS A 184 -10.08 -29.22 12.46
N ASN A 185 -10.15 -30.50 12.13
CA ASN A 185 -9.26 -31.48 12.72
C ASN A 185 -8.38 -32.17 11.69
N ASP A 186 -8.94 -32.46 10.52
CA ASP A 186 -8.19 -33.04 9.41
C ASP A 186 -7.84 -31.95 8.40
N VAL B 1 17.98 21.59 -5.02
CA VAL B 1 16.51 21.33 -4.98
C VAL B 1 16.18 20.49 -3.73
N GLY B 2 15.42 21.06 -2.80
CA GLY B 2 15.20 20.46 -1.48
C GLY B 2 14.02 19.50 -1.44
N SER B 3 13.26 19.44 -2.53
CA SER B 3 12.11 18.57 -2.60
C SER B 3 11.82 18.22 -4.06
N LEU B 4 11.36 17.01 -4.27
CA LEU B 4 10.91 16.57 -5.58
C LEU B 4 9.49 16.08 -5.41
N ASN B 5 8.73 16.14 -6.51
CA ASN B 5 7.33 15.64 -6.58
C ASN B 5 7.21 14.67 -7.75
N CYS B 6 6.51 13.57 -7.55
CA CYS B 6 6.11 12.71 -8.66
C CYS B 6 4.60 12.82 -8.77
N ILE B 7 4.08 12.67 -10.00
CA ILE B 7 2.63 12.64 -10.20
C ILE B 7 2.29 11.62 -11.27
N VAL B 8 1.29 10.82 -10.97
CA VAL B 8 0.90 9.68 -11.81
C VAL B 8 -0.57 9.36 -11.60
N ALA B 9 -1.20 8.76 -12.61
CA ALA B 9 -2.53 8.16 -12.51
C ALA B 9 -2.35 6.69 -12.88
N VAL B 10 -2.92 5.80 -12.06
CA VAL B 10 -2.64 4.38 -12.12
C VAL B 10 -3.93 3.57 -11.91
N SER B 11 -4.08 2.52 -12.72
CA SER B 11 -5.23 1.62 -12.60
C SER B 11 -5.05 0.63 -11.45
N GLN B 12 -6.11 -0.09 -11.13
CA GLN B 12 -6.09 -1.03 -10.01
C GLN B 12 -5.02 -2.13 -10.19
N ASN B 13 -4.80 -2.51 -11.44
CA ASN B 13 -3.75 -3.49 -11.82
C ASN B 13 -2.39 -2.85 -12.13
N MET B 14 -2.19 -1.63 -11.61
CA MET B 14 -0.94 -0.89 -11.65
C MET B 14 -0.55 -0.36 -13.02
N GLY B 15 -1.51 -0.31 -13.93
CA GLY B 15 -1.25 0.21 -15.28
C GLY B 15 -1.17 1.72 -15.39
N ILE B 16 -0.22 2.21 -16.21
CA ILE B 16 -0.15 3.64 -16.54
C ILE B 16 -0.22 3.95 -18.02
N GLY B 17 0.01 2.94 -18.87
CA GLY B 17 -0.03 3.17 -20.32
C GLY B 17 -0.42 1.93 -21.11
N LYS B 18 -0.90 2.20 -22.31
CA LYS B 18 -1.26 1.18 -23.28
C LYS B 18 -1.11 1.74 -24.68
N ASN B 19 -0.26 1.10 -25.48
CA ASN B 19 -0.08 1.46 -26.90
C ASN B 19 0.26 2.93 -27.09
N GLY B 20 1.12 3.46 -26.24
CA GLY B 20 1.58 4.85 -26.34
C GLY B 20 0.60 5.93 -25.89
N ASP B 21 -0.48 5.53 -25.22
CA ASP B 21 -1.48 6.47 -24.68
C ASP B 21 -1.87 5.94 -23.28
N LEU B 22 -2.87 6.56 -22.65
CA LEU B 22 -3.38 6.09 -21.36
C LEU B 22 -4.25 4.87 -21.58
N PRO B 23 -4.36 3.98 -20.56
CA PRO B 23 -5.21 2.78 -20.71
C PRO B 23 -6.73 3.02 -20.63
N TRP B 24 -7.11 4.18 -20.06
CA TRP B 24 -8.51 4.55 -19.84
C TRP B 24 -8.90 5.72 -20.77
N PRO B 25 -10.22 5.92 -20.98
N PRO B 25 -10.22 5.92 -20.98
CA PRO B 25 -10.70 7.12 -21.67
CA PRO B 25 -10.61 7.07 -21.79
C PRO B 25 -10.20 8.41 -21.03
C PRO B 25 -10.34 8.39 -21.05
N PRO B 26 -10.21 9.52 -21.79
CA PRO B 26 -9.80 10.80 -21.20
C PRO B 26 -10.69 11.23 -20.07
N LEU B 27 -10.06 11.66 -18.96
CA LEU B 27 -10.75 12.16 -17.79
C LEU B 27 -10.33 13.62 -17.62
N ARG B 28 -11.20 14.52 -18.06
CA ARG B 28 -10.86 15.95 -18.17
C ARG B 28 -10.44 16.55 -16.83
N ASN B 29 -11.22 16.31 -15.76
CA ASN B 29 -10.90 16.91 -14.45
C ASN B 29 -9.63 16.29 -13.86
N GLU B 30 -9.35 15.03 -14.16
CA GLU B 30 -8.13 14.37 -13.68
C GLU B 30 -6.93 15.07 -14.38
N PHE B 31 -7.06 15.29 -15.68
CA PHE B 31 -6.09 16.07 -16.43
C PHE B 31 -5.93 17.49 -15.84
N ARG B 32 -7.03 18.17 -15.55
CA ARG B 32 -6.97 19.51 -14.98
C ARG B 32 -6.25 19.53 -13.60
N TYR B 33 -6.38 18.44 -12.85
CA TYR B 33 -5.70 18.30 -11.56
C TYR B 33 -4.22 18.26 -11.82
N PHE B 34 -3.82 17.41 -12.78
CA PHE B 34 -2.42 17.32 -13.17
C PHE B 34 -1.89 18.67 -13.59
N GLN B 35 -2.64 19.37 -14.42
CA GLN B 35 -2.27 20.72 -14.89
C GLN B 35 -2.07 21.67 -13.71
N ARG B 36 -3.02 21.69 -12.79
CA ARG B 36 -2.96 22.62 -11.66
C ARG B 36 -1.75 22.33 -10.80
N MET B 37 -1.56 21.05 -10.45
CA MET B 37 -0.51 20.71 -9.51
C MET B 37 0.86 21.01 -10.11
N THR B 38 1.05 20.61 -11.38
CA THR B 38 2.35 20.82 -12.03
C THR B 38 2.62 22.26 -12.44
N THR B 39 1.58 23.06 -12.70
CA THR B 39 1.83 24.46 -13.17
C THR B 39 1.95 25.46 -12.02
N THR B 40 1.29 25.18 -10.90
CA THR B 40 1.22 26.18 -9.83
C THR B 40 2.52 26.32 -9.05
N SER B 41 3.07 27.53 -9.11
CA SER B 41 4.32 27.90 -8.45
C SER B 41 4.02 28.71 -7.17
N SER B 42 4.89 28.57 -6.17
CA SER B 42 4.86 29.39 -4.94
C SER B 42 5.59 30.73 -5.12
N VAL B 43 6.56 30.75 -6.01
CA VAL B 43 7.49 31.86 -6.12
C VAL B 43 7.21 32.69 -7.38
N GLU B 44 6.99 33.98 -7.19
CA GLU B 44 6.78 34.90 -8.30
C GLU B 44 8.01 34.94 -9.17
N GLY B 45 7.82 34.96 -10.49
CA GLY B 45 8.94 35.05 -11.43
C GLY B 45 9.61 33.72 -11.75
N LYS B 46 9.10 32.63 -11.18
CA LYS B 46 9.64 31.29 -11.41
C LYS B 46 8.59 30.36 -12.00
N GLN B 47 9.04 29.39 -12.80
N GLN B 47 9.06 29.38 -12.77
CA GLN B 47 8.15 28.36 -13.30
CA GLN B 47 8.22 28.33 -13.33
C GLN B 47 8.54 27.02 -12.71
C GLN B 47 8.55 27.02 -12.65
N ASN B 48 7.59 26.09 -12.65
CA ASN B 48 7.92 24.73 -12.26
C ASN B 48 8.56 24.00 -13.45
N LEU B 49 9.37 23.00 -13.13
CA LEU B 49 10.01 22.13 -14.09
C LEU B 49 9.29 20.79 -14.12
N VAL B 50 8.98 20.30 -15.33
CA VAL B 50 8.50 18.93 -15.49
C VAL B 50 9.58 18.09 -16.16
N ILE B 51 9.81 16.91 -15.60
CA ILE B 51 10.80 15.96 -16.10
C ILE B 51 10.10 14.68 -16.57
N MET B 52 10.36 14.25 -17.80
CA MET B 52 9.68 13.09 -18.37
C MET B 52 10.65 12.28 -19.26
N GLY B 53 10.30 11.03 -19.50
CA GLY B 53 11.07 10.20 -20.42
C GLY B 53 10.66 10.51 -21.85
N LYS B 54 11.39 9.93 -22.80
CA LYS B 54 11.24 10.25 -24.20
C LYS B 54 9.91 9.77 -24.78
N LYS B 55 9.49 8.57 -24.39
CA LYS B 55 8.22 8.03 -24.89
C LYS B 55 7.06 8.85 -24.37
N THR B 56 7.14 9.34 -23.13
CA THR B 56 6.10 10.21 -22.58
C THR B 56 6.03 11.51 -23.36
N TRP B 57 7.19 12.08 -23.68
CA TRP B 57 7.25 13.27 -24.51
C TRP B 57 6.48 13.05 -25.80
N PHE B 58 6.83 12.00 -26.51
CA PHE B 58 6.22 11.77 -27.82
C PHE B 58 4.74 11.36 -27.76
N SER B 59 4.26 11.03 -26.56
CA SER B 59 2.84 10.71 -26.35
C SER B 59 1.97 11.96 -26.21
N ILE B 60 2.58 13.12 -25.99
CA ILE B 60 1.83 14.38 -25.92
C ILE B 60 1.53 14.86 -27.36
N PRO B 61 0.28 15.24 -27.66
CA PRO B 61 0.05 15.75 -29.03
C PRO B 61 0.95 16.95 -29.32
N GLU B 62 1.48 17.01 -30.54
CA GLU B 62 2.43 18.07 -30.87
C GLU B 62 1.87 19.45 -30.53
N LYS B 63 0.56 19.65 -30.72
CA LYS B 63 -0.11 20.92 -30.43
C LYS B 63 0.02 21.36 -28.97
N ASN B 64 0.25 20.41 -28.07
CA ASN B 64 0.36 20.69 -26.64
C ASN B 64 1.78 20.57 -26.06
N ARG B 65 2.76 20.38 -26.94
CA ARG B 65 4.17 20.30 -26.56
C ARG B 65 4.81 21.63 -26.90
N PRO B 66 5.66 22.18 -26.00
CA PRO B 66 5.92 21.73 -24.63
C PRO B 66 4.72 22.05 -23.74
N LEU B 67 4.54 21.32 -22.63
CA LEU B 67 3.46 21.62 -21.71
C LEU B 67 3.56 23.10 -21.29
N LYS B 68 2.49 23.85 -21.53
CA LYS B 68 2.44 25.30 -21.32
C LYS B 68 2.70 25.72 -19.87
N GLY B 69 3.44 26.82 -19.71
CA GLY B 69 3.65 27.43 -18.41
C GLY B 69 4.58 26.68 -17.48
N ARG B 70 5.29 25.70 -18.03
CA ARG B 70 6.25 24.89 -17.29
C ARG B 70 7.48 24.72 -18.16
N ILE B 71 8.64 24.63 -17.51
CA ILE B 71 9.89 24.28 -18.20
C ILE B 71 9.88 22.77 -18.44
N ASN B 72 10.09 22.35 -19.69
CA ASN B 72 9.98 20.92 -20.05
C ASN B 72 11.37 20.34 -20.28
N LEU B 73 11.70 19.30 -19.52
CA LEU B 73 13.00 18.63 -19.60
C LEU B 73 12.77 17.13 -19.89
N VAL B 74 13.43 16.61 -20.92
CA VAL B 74 13.28 15.20 -21.32
C VAL B 74 14.54 14.44 -20.92
N LEU B 75 14.35 13.23 -20.41
CA LEU B 75 15.45 12.29 -20.14
C LEU B 75 15.64 11.32 -21.30
N SER B 76 16.88 11.18 -21.75
CA SER B 76 17.26 10.18 -22.76
C SER B 76 18.76 9.98 -22.74
N ARG B 77 19.18 8.75 -23.01
CA ARG B 77 20.60 8.45 -23.19
C ARG B 77 21.02 8.50 -24.66
N GLU B 78 20.06 8.31 -25.56
CA GLU B 78 20.36 8.20 -26.98
C GLU B 78 20.33 9.54 -27.71
N LEU B 79 19.42 10.43 -27.31
CA LEU B 79 19.34 11.75 -27.91
C LEU B 79 20.54 12.60 -27.51
N LYS B 80 20.95 13.49 -28.42
CA LYS B 80 22.06 14.39 -28.15
C LYS B 80 21.61 15.83 -27.96
N GLU B 81 20.43 16.15 -28.47
CA GLU B 81 19.78 17.43 -28.22
C GLU B 81 18.33 17.21 -27.81
N PRO B 82 17.73 18.21 -27.15
CA PRO B 82 16.33 18.01 -26.76
C PRO B 82 15.43 17.86 -27.99
N PRO B 83 14.38 17.04 -27.87
CA PRO B 83 13.45 16.94 -29.00
C PRO B 83 12.84 18.31 -29.32
N GLN B 84 12.50 18.54 -30.58
CA GLN B 84 11.96 19.82 -31.02
C GLN B 84 10.78 20.22 -30.13
N GLY B 85 10.90 21.39 -29.51
CA GLY B 85 9.88 21.91 -28.61
C GLY B 85 10.27 21.82 -27.15
N ALA B 86 11.11 20.85 -26.80
CA ALA B 86 11.50 20.63 -25.40
C ALA B 86 12.62 21.61 -25.04
N HIS B 87 12.62 22.08 -23.78
CA HIS B 87 13.55 23.13 -23.38
C HIS B 87 14.94 22.57 -23.08
N PHE B 88 14.98 21.39 -22.45
CA PHE B 88 16.22 20.80 -21.96
C PHE B 88 16.23 19.30 -22.10
N LEU B 89 17.45 18.75 -22.14
CA LEU B 89 17.70 17.31 -22.24
C LEU B 89 18.74 16.93 -21.19
N SER B 90 18.51 15.83 -20.49
CA SER B 90 19.50 15.30 -19.57
C SER B 90 19.59 13.80 -19.74
N ARG B 91 20.73 13.25 -19.37
CA ARG B 91 20.98 11.82 -19.45
C ARG B 91 20.56 11.05 -18.19
N SER B 92 20.17 11.78 -17.14
CA SER B 92 19.72 11.17 -15.86
C SER B 92 18.99 12.20 -14.99
N LEU B 93 18.27 11.73 -13.97
CA LEU B 93 17.58 12.63 -13.03
C LEU B 93 18.60 13.47 -12.27
N ASP B 94 19.69 12.85 -11.82
CA ASP B 94 20.73 13.63 -11.12
C ASP B 94 21.29 14.76 -11.98
N ASP B 95 21.59 14.45 -13.24
CA ASP B 95 22.06 15.45 -14.18
C ASP B 95 21.03 16.56 -14.34
N ALA B 96 19.75 16.17 -14.42
CA ALA B 96 18.68 17.15 -14.56
C ALA B 96 18.61 18.12 -13.37
N LEU B 97 18.74 17.58 -12.16
CA LEU B 97 18.66 18.44 -10.96
C LEU B 97 19.85 19.36 -10.82
N LYS B 98 21.03 18.89 -11.24
CA LYS B 98 22.23 19.73 -11.29
C LYS B 98 22.07 20.89 -12.26
N LEU B 99 21.38 20.65 -13.38
CA LEU B 99 21.19 21.66 -14.42
C LEU B 99 20.42 22.89 -13.91
N THR B 100 19.50 22.70 -12.95
CA THR B 100 18.62 23.78 -12.48
C THR B 100 19.36 24.88 -11.71
N GLU B 101 20.59 24.58 -11.28
CA GLU B 101 21.42 25.52 -10.56
C GLU B 101 22.49 26.21 -11.40
N GLN B 102 22.75 25.69 -12.60
CA GLN B 102 23.66 26.36 -13.54
C GLN B 102 23.09 27.73 -13.90
N PRO B 103 23.93 28.65 -14.38
CA PRO B 103 23.47 30.02 -14.63
C PRO B 103 22.14 30.18 -15.39
N GLU B 104 21.95 29.43 -16.48
CA GLU B 104 20.77 29.63 -17.35
C GLU B 104 19.46 29.43 -16.56
N LEU B 105 19.40 28.39 -15.74
CA LEU B 105 18.19 28.08 -14.94
C LEU B 105 18.22 28.59 -13.49
N ALA B 106 19.36 29.12 -13.04
CA ALA B 106 19.45 29.65 -11.70
C ALA B 106 18.38 30.71 -11.50
N ASN B 107 17.63 30.60 -10.41
CA ASN B 107 16.52 31.50 -10.06
C ASN B 107 15.34 31.52 -11.03
N LYS B 108 15.20 30.49 -11.84
CA LYS B 108 14.05 30.37 -12.74
C LYS B 108 13.11 29.22 -12.43
N VAL B 109 13.54 28.27 -11.61
CA VAL B 109 12.74 27.08 -11.31
C VAL B 109 12.22 27.10 -9.88
N ASP B 110 10.94 26.83 -9.69
CA ASP B 110 10.40 26.59 -8.35
C ASP B 110 10.28 25.08 -8.10
N MET B 111 9.12 24.49 -8.38
CA MET B 111 8.94 23.07 -8.05
C MET B 111 9.48 22.20 -9.16
N VAL B 112 9.91 20.99 -8.82
CA VAL B 112 10.24 19.96 -9.80
C VAL B 112 9.23 18.82 -9.71
N TRP B 113 8.62 18.50 -10.85
CA TRP B 113 7.61 17.43 -10.97
C TRP B 113 8.09 16.36 -11.94
N ILE B 114 8.11 15.11 -11.49
CA ILE B 114 8.44 13.98 -12.36
C ILE B 114 7.12 13.41 -12.85
N VAL B 115 6.95 13.34 -14.17
CA VAL B 115 5.67 13.00 -14.79
C VAL B 115 5.69 11.68 -15.61
N GLY B 116 6.73 10.86 -15.45
CA GLY B 116 6.77 9.51 -16.01
C GLY B 116 7.69 9.40 -17.21
N GLY B 117 7.89 8.20 -17.77
CA GLY B 117 7.19 6.96 -17.41
C GLY B 117 7.86 6.07 -16.37
N SER B 118 7.72 4.76 -16.53
CA SER B 118 8.02 3.80 -15.46
C SER B 118 9.43 3.93 -14.88
N SER B 119 10.44 3.94 -15.74
CA SER B 119 11.83 4.03 -15.25
C SER B 119 12.16 5.39 -14.65
N VAL B 120 11.47 6.45 -15.09
CA VAL B 120 11.67 7.77 -14.50
C VAL B 120 11.09 7.81 -13.08
N TYR B 121 9.88 7.26 -12.92
CA TYR B 121 9.30 7.12 -11.57
C TYR B 121 10.16 6.27 -10.65
N LYS B 122 10.65 5.13 -11.15
CA LYS B 122 11.43 4.23 -10.31
C LYS B 122 12.66 4.93 -9.76
N GLU B 123 13.38 5.65 -10.62
CA GLU B 123 14.58 6.40 -10.21
C GLU B 123 14.23 7.49 -9.19
N ALA B 124 13.21 8.28 -9.51
CA ALA B 124 12.84 9.41 -8.66
C ALA B 124 12.41 8.96 -7.27
N MET B 125 11.64 7.89 -7.20
CA MET B 125 11.12 7.44 -5.90
C MET B 125 12.23 6.98 -4.95
N ASN B 126 13.38 6.64 -5.52
CA ASN B 126 14.59 6.31 -4.76
C ASN B 126 15.55 7.48 -4.54
N HIS B 127 15.27 8.65 -5.11
CA HIS B 127 16.14 9.80 -4.93
C HIS B 127 16.12 10.20 -3.44
N PRO B 128 17.27 10.66 -2.90
CA PRO B 128 17.31 11.05 -1.48
C PRO B 128 16.54 12.31 -1.11
N GLY B 129 16.15 12.38 0.16
CA GLY B 129 15.52 13.56 0.76
C GLY B 129 14.00 13.57 0.63
N HIS B 130 13.42 14.74 0.84
CA HIS B 130 11.98 14.83 0.87
C HIS B 130 11.36 14.62 -0.50
N LEU B 131 10.34 13.78 -0.57
CA LEU B 131 9.69 13.45 -1.83
C LEU B 131 8.23 13.22 -1.59
N LYS B 132 7.39 13.82 -2.42
CA LYS B 132 5.95 13.56 -2.40
C LYS B 132 5.51 12.89 -3.69
N LEU B 133 4.61 11.91 -3.55
CA LEU B 133 4.01 11.21 -4.70
C LEU B 133 2.52 11.47 -4.69
N PHE B 134 2.06 12.09 -5.77
CA PHE B 134 0.67 12.39 -6.02
C PHE B 134 0.16 11.30 -6.95
N VAL B 135 -0.59 10.37 -6.38
CA VAL B 135 -1.04 9.18 -7.06
C VAL B 135 -2.57 9.18 -7.18
N THR B 136 -3.08 9.24 -8.43
CA THR B 136 -4.50 9.08 -8.67
C THR B 136 -4.77 7.60 -8.85
N ARG B 137 -5.57 7.04 -7.96
CA ARG B 137 -5.96 5.63 -8.01
C ARG B 137 -7.23 5.55 -8.81
N ILE B 138 -7.10 5.04 -10.05
CA ILE B 138 -8.24 4.74 -10.93
C ILE B 138 -8.73 3.37 -10.44
N MET B 139 -9.95 3.33 -9.90
CA MET B 139 -10.40 2.23 -9.05
C MET B 139 -11.01 1.03 -9.82
N GLN B 140 -10.38 0.68 -10.93
CA GLN B 140 -10.72 -0.54 -11.67
C GLN B 140 -9.54 -0.91 -12.54
N ASP B 141 -9.61 -2.13 -13.07
CA ASP B 141 -8.56 -2.62 -13.97
C ASP B 141 -8.74 -2.03 -15.38
N PHE B 142 -7.61 -1.82 -16.07
CA PHE B 142 -7.57 -1.51 -17.50
C PHE B 142 -6.40 -2.25 -18.14
N GLU B 143 -6.61 -2.79 -19.34
CA GLU B 143 -5.53 -3.47 -20.05
C GLU B 143 -4.37 -2.49 -20.30
N SER B 144 -3.16 -2.88 -19.88
CA SER B 144 -2.01 -1.96 -19.89
C SER B 144 -0.78 -2.70 -20.37
N ASP B 145 0.20 -1.95 -20.92
CA ASP B 145 1.51 -2.51 -21.27
C ASP B 145 2.68 -1.80 -20.59
N THR B 146 2.35 -0.83 -19.73
CA THR B 146 3.33 -0.04 -18.98
C THR B 146 2.74 0.15 -17.57
N PHE B 147 3.59 -0.02 -16.54
CA PHE B 147 3.14 -0.15 -15.17
C PHE B 147 3.90 0.74 -14.21
N PHE B 148 3.27 0.99 -13.07
CA PHE B 148 3.87 1.79 -11.99
C PHE B 148 4.47 0.85 -10.94
N PRO B 149 5.72 1.15 -10.46
CA PRO B 149 6.38 0.36 -9.41
C PRO B 149 5.56 0.44 -8.13
N GLU B 150 5.40 -0.65 -7.38
CA GLU B 150 4.58 -0.59 -6.15
C GLU B 150 5.33 0.27 -5.11
N ILE B 151 4.58 0.99 -4.29
CA ILE B 151 5.16 2.00 -3.39
C ILE B 151 5.67 1.34 -2.12
N ASP B 152 6.93 1.60 -1.76
CA ASP B 152 7.55 0.95 -0.59
C ASP B 152 7.15 1.71 0.69
N LEU B 153 6.29 1.10 1.51
CA LEU B 153 5.77 1.75 2.72
C LEU B 153 6.80 1.75 3.85
N GLU B 154 7.92 1.04 3.66
CA GLU B 154 9.09 1.21 4.55
C GLU B 154 9.59 2.65 4.46
N LYS B 155 9.44 3.23 3.28
CA LYS B 155 9.90 4.59 3.02
C LYS B 155 8.74 5.61 3.01
N TYR B 156 7.69 5.30 2.28
CA TYR B 156 6.59 6.26 2.07
C TYR B 156 5.42 6.07 3.04
N LYS B 157 4.76 7.17 3.40
CA LYS B 157 3.56 7.15 4.23
C LYS B 157 2.44 7.77 3.41
N LEU B 158 1.28 7.13 3.44
CA LEU B 158 0.08 7.71 2.87
C LEU B 158 -0.40 8.78 3.83
N LEU B 159 -0.54 10.01 3.34
CA LEU B 159 -1.04 11.09 4.16
C LEU B 159 -2.57 10.99 4.16
N PRO B 160 -3.22 11.13 5.34
CA PRO B 160 -4.69 11.00 5.39
C PRO B 160 -5.41 12.08 4.62
N GLU B 161 -4.84 13.27 4.62
CA GLU B 161 -5.28 14.27 3.68
C GLU B 161 -4.14 15.20 3.38
N TYR B 162 -4.38 16.10 2.46
CA TYR B 162 -3.36 17.05 2.10
C TYR B 162 -4.09 18.31 1.66
N PRO B 163 -3.67 19.47 2.18
CA PRO B 163 -4.33 20.70 1.77
C PRO B 163 -4.29 20.88 0.26
N GLY B 164 -5.44 21.19 -0.32
CA GLY B 164 -5.53 21.44 -1.74
C GLY B 164 -5.83 20.22 -2.58
N VAL B 165 -5.93 19.07 -1.94
CA VAL B 165 -6.27 17.80 -2.63
C VAL B 165 -7.58 17.24 -2.06
N LEU B 166 -8.54 16.97 -2.93
CA LEU B 166 -9.81 16.41 -2.51
C LEU B 166 -9.58 14.98 -1.99
N SER B 167 -10.33 14.63 -0.95
CA SER B 167 -10.20 13.32 -0.28
C SER B 167 -11.22 12.28 -0.74
N ASP B 168 -12.40 12.72 -1.20
CA ASP B 168 -13.48 11.82 -1.51
C ASP B 168 -13.29 11.18 -2.89
N VAL B 169 -13.94 10.05 -3.10
CA VAL B 169 -13.93 9.40 -4.42
C VAL B 169 -14.56 10.32 -5.45
N GLN B 170 -13.87 10.45 -6.57
CA GLN B 170 -14.32 11.24 -7.69
C GLN B 170 -14.90 10.29 -8.74
N GLU B 171 -15.75 10.85 -9.61
CA GLU B 171 -16.31 10.07 -10.71
C GLU B 171 -16.46 10.93 -11.94
N GLU B 172 -15.89 10.46 -13.03
CA GLU B 172 -16.00 11.13 -14.32
C GLU B 172 -16.23 10.06 -15.36
N LYS B 173 -17.17 10.28 -16.27
CA LYS B 173 -17.41 9.34 -17.39
C LYS B 173 -17.59 7.90 -16.87
N GLY B 174 -18.25 7.76 -15.73
CA GLY B 174 -18.51 6.47 -15.10
C GLY B 174 -17.33 5.78 -14.43
N ILE B 175 -16.20 6.45 -14.36
CA ILE B 175 -14.99 5.84 -13.79
C ILE B 175 -14.68 6.51 -12.47
N LYS B 176 -14.61 5.71 -11.41
CA LYS B 176 -14.27 6.23 -10.08
C LYS B 176 -12.76 6.27 -9.88
N TYR B 177 -12.30 7.33 -9.24
CA TYR B 177 -10.88 7.47 -8.87
C TYR B 177 -10.73 8.33 -7.64
N LYS B 178 -9.56 8.25 -7.00
CA LYS B 178 -9.31 9.07 -5.84
C LYS B 178 -7.89 9.56 -5.84
N PHE B 179 -7.70 10.74 -5.27
CA PHE B 179 -6.40 11.36 -5.21
C PHE B 179 -5.70 11.03 -3.90
N GLU B 180 -4.50 10.46 -3.98
CA GLU B 180 -3.69 10.14 -2.82
C GLU B 180 -2.39 10.93 -2.86
N VAL B 181 -1.87 11.17 -1.66
CA VAL B 181 -0.55 11.80 -1.49
C VAL B 181 0.30 10.97 -0.51
N TYR B 182 1.48 10.55 -0.97
CA TYR B 182 2.47 9.82 -0.18
C TYR B 182 3.66 10.72 0.03
N GLU B 183 4.39 10.51 1.12
CA GLU B 183 5.55 11.35 1.41
C GLU B 183 6.64 10.50 2.05
N LYS B 184 7.88 10.82 1.73
CA LYS B 184 9.05 10.37 2.51
C LYS B 184 9.89 11.60 2.80
N ASN B 185 10.63 11.56 3.89
CA ASN B 185 11.37 12.74 4.32
C ASN B 185 12.87 12.61 4.19
N ASP B 186 13.36 11.38 3.99
CA ASP B 186 14.81 11.17 3.78
C ASP B 186 15.10 10.35 2.52
#